data_5G4O
#
_entry.id   5G4O
#
_cell.length_a   65.162
_cell.length_b   71.448
_cell.length_c   105.235
_cell.angle_alpha   90.00
_cell.angle_beta   90.00
_cell.angle_gamma   90.00
#
_symmetry.space_group_name_H-M   'P 21 21 21'
#
loop_
_entity.id
_entity.type
_entity.pdbx_description
1 polymer 'CELLULAR TUMOR ANTIGEN P53'
2 non-polymer 'ZINC ION'
3 non-polymer N,N-dimethyl-1-[9-(2,2,2-trifluoroethyl)-9H-carbazol-3-yl]methanamine
4 water water
#
_entity_poly.entity_id   1
_entity_poly.type   'polypeptide(L)'
_entity_poly.pdbx_seq_one_letter_code
;SSSVPSQKTYQGSYGFRLGFLHSGTAKSVTCTYSPALNKLFCQLAKTCPVQLWVDSTPPPGTRVRAMAIYKQSQHMTEVV
RRCPHHERCSDSDGLAPPQHLIRVEGNLRAEYLDDRNTFRHSVVVPCEPPEVGSDCTTIHYNYMCYSSCMGGMNRRPILT
IITLEDSSGNLLGRDSFEVRVCACPGRDRRTEEENLRKKGEPHHELPPGSTKRALPNNT
;
_entity_poly.pdbx_strand_id   A,B
#
loop_
_chem_comp.id
_chem_comp.type
_chem_comp.name
_chem_comp.formula
O80 non-polymer N,N-dimethyl-1-[9-(2,2,2-trifluoroethyl)-9H-carbazol-3-yl]methanamine 'C17 H17 F3 N2'
ZN non-polymer 'ZINC ION' 'Zn 2'
#
# COMPACT_ATOMS: atom_id res chain seq x y z
N SER A 3 -3.81 -11.97 -6.31
CA SER A 3 -2.45 -12.27 -6.74
C SER A 3 -1.44 -11.46 -5.95
N VAL A 4 -1.93 -10.61 -5.05
CA VAL A 4 -1.09 -9.78 -4.18
C VAL A 4 -1.70 -9.69 -2.78
N PRO A 5 -1.00 -10.16 -1.75
CA PRO A 5 -1.54 -10.06 -0.39
C PRO A 5 -1.63 -8.62 0.09
N SER A 6 -2.69 -8.34 0.86
CA SER A 6 -2.87 -7.00 1.41
C SER A 6 -1.79 -6.68 2.45
N GLN A 7 -1.37 -5.43 2.48
CA GLN A 7 -0.43 -4.96 3.50
C GLN A 7 -1.04 -3.89 4.39
N LYS A 8 -2.37 -3.72 4.36
CA LYS A 8 -2.98 -2.63 5.11
C LYS A 8 -2.96 -2.93 6.60
N THR A 9 -2.46 -1.97 7.38
CA THR A 9 -2.45 -2.13 8.83
C THR A 9 -3.88 -2.20 9.35
N TYR A 10 -4.13 -3.18 10.22
CA TYR A 10 -5.49 -3.42 10.70
C TYR A 10 -5.37 -3.95 12.13
N GLN A 11 -5.70 -3.12 13.12
CA GLN A 11 -5.60 -3.59 14.50
C GLN A 11 -6.69 -4.60 14.84
N GLY A 12 -7.89 -4.45 14.25
CA GLY A 12 -8.93 -5.41 14.52
C GLY A 12 -9.50 -5.29 15.93
N SER A 13 -10.35 -6.26 16.27
CA SER A 13 -11.10 -6.24 17.51
C SER A 13 -10.20 -6.40 18.74
N TYR A 14 -9.03 -7.00 18.58
CA TYR A 14 -8.15 -7.28 19.70
C TYR A 14 -7.05 -6.24 19.87
N GLY A 15 -6.98 -5.23 19.00
CA GLY A 15 -5.96 -4.20 19.09
C GLY A 15 -4.57 -4.75 18.79
N PHE A 16 -4.46 -5.54 17.73
CA PHE A 16 -3.22 -6.23 17.39
C PHE A 16 -2.20 -5.27 16.75
N ARG A 17 -0.96 -5.31 17.23
CA ARG A 17 0.12 -4.58 16.60
C ARG A 17 1.45 -5.18 17.02
N LEU A 18 2.49 -4.88 16.24
CA LEU A 18 3.83 -5.38 16.50
C LEU A 18 4.61 -4.44 17.40
N GLY A 19 5.71 -4.98 17.96
CA GLY A 19 6.67 -4.16 18.68
C GLY A 19 8.06 -4.68 18.43
N PHE A 20 9.05 -3.79 18.55
CA PHE A 20 10.43 -4.15 18.30
C PHE A 20 11.33 -3.66 19.43
N LEU A 21 12.40 -4.40 19.68
CA LEU A 21 13.37 -4.00 20.68
C LEU A 21 14.14 -2.77 20.21
N HIS A 22 14.89 -2.16 21.12
CA HIS A 22 15.73 -1.01 20.82
C HIS A 22 17.19 -1.46 20.91
N SER A 23 17.71 -1.96 19.80
CA SER A 23 19.00 -2.64 19.78
C SER A 23 20.16 -1.72 19.39
N GLY A 24 19.90 -0.52 18.92
CA GLY A 24 20.96 0.39 18.55
C GLY A 24 21.55 0.09 17.19
N THR A 25 22.60 0.85 16.86
CA THR A 25 23.19 0.81 15.52
C THR A 25 24.70 0.55 15.55
N ALA A 26 25.19 -0.08 16.60
CA ALA A 26 26.61 -0.42 16.66
C ALA A 26 26.98 -1.36 15.52
N LYS A 27 28.25 -1.30 15.10
CA LYS A 27 28.74 -2.15 14.03
C LYS A 27 28.43 -3.62 14.28
N SER A 28 28.46 -4.04 15.54
CA SER A 28 28.31 -5.44 15.91
C SER A 28 26.86 -5.91 16.00
N VAL A 29 25.87 -5.03 15.86
CA VAL A 29 24.49 -5.42 16.08
C VAL A 29 24.03 -6.36 14.97
N THR A 30 23.24 -7.38 15.34
CA THR A 30 22.83 -8.40 14.39
C THR A 30 21.40 -8.22 13.90
N CYS A 31 20.61 -7.41 14.59
CA CYS A 31 19.23 -7.15 14.21
C CYS A 31 18.86 -5.82 14.85
N THR A 32 18.32 -4.90 14.05
CA THR A 32 17.95 -3.59 14.58
C THR A 32 16.80 -3.01 13.76
N TYR A 33 15.87 -2.37 14.44
CA TYR A 33 14.65 -1.87 13.84
C TYR A 33 14.64 -0.35 13.83
N SER A 34 14.31 0.22 12.67
CA SER A 34 14.17 1.67 12.51
C SER A 34 12.71 2.07 12.53
N PRO A 35 12.23 2.72 13.59
CA PRO A 35 10.86 3.26 13.55
C PRO A 35 10.64 4.30 12.45
N ALA A 36 11.62 5.16 12.19
CA ALA A 36 11.42 6.20 11.18
C ALA A 36 11.22 5.62 9.80
N LEU A 37 11.87 4.49 9.50
CA LEU A 37 11.74 3.83 8.20
C LEU A 37 10.73 2.68 8.21
N ASN A 38 10.19 2.31 9.37
CA ASN A 38 9.45 1.05 9.57
C ASN A 38 10.17 -0.10 8.88
N LYS A 39 11.42 -0.30 9.26
CA LYS A 39 12.29 -1.22 8.55
C LYS A 39 13.19 -1.96 9.52
N LEU A 40 13.23 -3.28 9.41
CA LEU A 40 14.11 -4.13 10.19
C LEU A 40 15.35 -4.43 9.36
N PHE A 41 16.53 -4.28 9.96
CA PHE A 41 17.80 -4.62 9.34
C PHE A 41 18.40 -5.80 10.11
N CYS A 42 18.78 -6.86 9.40
CA CYS A 42 19.26 -8.04 10.12
C CYS A 42 20.32 -8.78 9.31
N GLN A 43 21.15 -9.52 10.03
CA GLN A 43 22.11 -10.41 9.41
C GLN A 43 21.45 -11.72 8.98
N LEU A 44 22.11 -12.42 8.07
CA LEU A 44 21.61 -13.67 7.53
C LEU A 44 21.44 -14.72 8.63
N ALA A 45 20.24 -15.30 8.72
CA ALA A 45 19.95 -16.42 9.62
C ALA A 45 20.15 -16.08 11.09
N LYS A 46 20.08 -14.81 11.47
CA LYS A 46 20.19 -14.44 12.87
C LYS A 46 18.81 -14.16 13.48
N THR A 47 18.74 -14.29 14.80
CA THR A 47 17.46 -14.14 15.51
C THR A 47 16.91 -12.73 15.35
N CYS A 48 15.65 -12.65 14.92
CA CYS A 48 14.93 -11.37 14.83
C CYS A 48 13.74 -11.42 15.76
N PRO A 49 13.82 -10.80 16.94
CA PRO A 49 12.67 -10.82 17.87
C PRO A 49 11.60 -9.84 17.42
N VAL A 50 10.37 -10.33 17.31
CA VAL A 50 9.23 -9.50 16.95
C VAL A 50 8.18 -9.65 18.05
N GLN A 51 7.79 -8.54 18.65
CA GLN A 51 6.79 -8.60 19.71
C GLN A 51 5.39 -8.52 19.13
N LEU A 52 4.46 -9.23 19.78
CA LEU A 52 3.04 -9.20 19.44
C LEU A 52 2.30 -8.63 20.62
N TRP A 53 1.54 -7.55 20.38
CA TRP A 53 0.78 -6.85 21.41
C TRP A 53 -0.70 -6.88 21.04
N VAL A 54 -1.55 -7.09 22.05
CA VAL A 54 -3.00 -6.96 21.89
C VAL A 54 -3.55 -6.24 23.11
N ASP A 55 -4.70 -5.59 22.92
CA ASP A 55 -5.41 -4.98 24.04
C ASP A 55 -6.30 -5.97 24.77
N SER A 56 -6.79 -6.99 24.08
CA SER A 56 -7.63 -8.00 24.69
C SER A 56 -7.24 -9.37 24.12
N THR A 57 -7.59 -10.41 24.87
CA THR A 57 -7.11 -11.76 24.59
C THR A 57 -7.90 -12.39 23.44
N PRO A 58 -7.26 -12.87 22.40
CA PRO A 58 -7.99 -13.52 21.29
C PRO A 58 -8.36 -14.95 21.65
N PRO A 59 -9.27 -15.56 20.90
CA PRO A 59 -9.80 -16.89 21.26
C PRO A 59 -8.76 -17.98 21.12
N PRO A 60 -8.94 -19.10 21.83
CA PRO A 60 -8.09 -20.27 21.59
C PRO A 60 -8.18 -20.71 20.12
N GLY A 61 -7.02 -21.06 19.55
CA GLY A 61 -6.95 -21.42 18.15
C GLY A 61 -6.50 -20.29 17.24
N THR A 62 -6.38 -19.07 17.77
CA THR A 62 -5.82 -17.98 17.00
C THR A 62 -4.37 -18.29 16.64
N ARG A 63 -3.95 -17.88 15.45
CA ARG A 63 -2.60 -18.13 14.96
C ARG A 63 -1.99 -16.84 14.41
N VAL A 64 -0.68 -16.86 14.22
CA VAL A 64 0.02 -15.70 13.69
CA VAL A 64 0.08 -15.69 13.72
C VAL A 64 0.91 -16.16 12.54
N ARG A 65 0.70 -15.55 11.38
CA ARG A 65 1.37 -15.94 10.14
C ARG A 65 2.33 -14.85 9.69
N ALA A 66 3.48 -15.24 9.14
CA ALA A 66 4.42 -14.31 8.51
C ALA A 66 4.60 -14.69 7.04
N MET A 67 4.64 -13.67 6.18
CA MET A 67 4.80 -13.84 4.74
C MET A 67 5.58 -12.65 4.20
N ALA A 68 6.48 -12.90 3.25
CA ALA A 68 7.23 -11.82 2.60
C ALA A 68 6.64 -11.54 1.22
N ILE A 69 6.58 -10.26 0.85
CA ILE A 69 6.27 -9.85 -0.52
C ILE A 69 7.30 -8.81 -0.95
N TYR A 70 7.47 -8.67 -2.27
CA TYR A 70 8.29 -7.57 -2.77
C TYR A 70 7.57 -6.24 -2.55
N LYS A 71 8.33 -5.23 -2.14
CA LYS A 71 7.74 -3.93 -1.82
C LYS A 71 7.39 -3.14 -3.08
N GLN A 72 8.18 -3.26 -4.14
CA GLN A 72 7.94 -2.48 -5.36
C GLN A 72 6.81 -3.10 -6.16
N SER A 73 5.90 -2.26 -6.65
CA SER A 73 4.67 -2.75 -7.28
C SER A 73 4.97 -3.61 -8.50
N GLN A 74 6.02 -3.28 -9.26
CA GLN A 74 6.33 -4.04 -10.47
C GLN A 74 6.90 -5.42 -10.18
N HIS A 75 7.19 -5.75 -8.93
CA HIS A 75 7.63 -7.09 -8.54
C HIS A 75 6.68 -7.79 -7.58
N MET A 76 5.56 -7.17 -7.22
N MET A 76 5.56 -7.15 -7.21
CA MET A 76 4.76 -7.67 -6.11
CA MET A 76 4.71 -7.65 -6.13
C MET A 76 4.04 -8.98 -6.43
C MET A 76 4.13 -9.02 -6.44
N THR A 77 3.86 -9.31 -7.71
CA THR A 77 3.26 -10.61 -8.06
C THR A 77 4.26 -11.76 -8.06
N GLU A 78 5.56 -11.49 -7.89
CA GLU A 78 6.56 -12.55 -7.87
C GLU A 78 6.69 -13.11 -6.46
N VAL A 79 6.68 -14.44 -6.34
CA VAL A 79 6.84 -15.07 -5.04
C VAL A 79 8.23 -14.79 -4.50
N VAL A 80 8.31 -14.33 -3.25
CA VAL A 80 9.61 -14.17 -2.59
C VAL A 80 10.09 -15.53 -2.12
N ARG A 81 11.27 -15.94 -2.57
CA ARG A 81 11.81 -17.25 -2.23
C ARG A 81 13.31 -17.15 -2.07
N ARG A 82 13.90 -18.21 -1.51
CA ARG A 82 15.36 -18.26 -1.42
C ARG A 82 15.98 -18.44 -2.81
N CYS A 83 17.22 -17.97 -2.94
CA CYS A 83 17.94 -17.94 -4.19
C CYS A 83 18.40 -19.35 -4.59
N PRO A 84 18.90 -19.51 -5.81
CA PRO A 84 19.28 -20.87 -6.26
C PRO A 84 20.41 -21.49 -5.47
N HIS A 85 21.27 -20.67 -4.85
CA HIS A 85 22.31 -21.20 -3.97
C HIS A 85 21.72 -21.62 -2.63
N HIS A 86 21.03 -20.72 -1.95
CA HIS A 86 20.60 -21.02 -0.59
C HIS A 86 19.54 -22.10 -0.53
N GLU A 87 18.69 -22.22 -1.55
CA GLU A 87 17.70 -23.30 -1.51
C GLU A 87 18.36 -24.68 -1.58
N ARG A 88 19.63 -24.75 -1.99
CA ARG A 88 20.34 -26.01 -2.15
C ARG A 88 21.46 -26.22 -1.12
N CYS A 89 21.55 -25.38 -0.09
N CYS A 89 21.53 -25.37 -0.09
CA CYS A 89 22.71 -25.47 0.80
CA CYS A 89 22.63 -25.39 0.86
C CYS A 89 22.49 -26.40 1.99
C CYS A 89 22.53 -26.52 1.88
N SER A 90 21.36 -27.11 2.04
CA SER A 90 21.14 -28.18 3.03
C SER A 90 21.27 -27.66 4.46
N ASP A 91 20.75 -26.46 4.72
CA ASP A 91 20.74 -25.87 6.05
C ASP A 91 19.41 -26.04 6.76
N SER A 92 18.65 -27.08 6.39
CA SER A 92 17.33 -27.29 6.95
C SER A 92 17.39 -27.46 8.47
N ASP A 93 16.34 -27.00 9.14
CA ASP A 93 16.15 -27.23 10.56
C ASP A 93 15.26 -28.45 10.84
N GLY A 94 14.94 -29.23 9.80
CA GLY A 94 14.06 -30.36 9.94
C GLY A 94 12.58 -30.04 9.77
N LEU A 95 12.21 -28.77 9.61
CA LEU A 95 10.81 -28.39 9.54
C LEU A 95 10.56 -27.42 8.38
N ALA A 96 11.37 -26.38 8.27
CA ALA A 96 11.20 -25.41 7.19
C ALA A 96 11.61 -26.00 5.85
N PRO A 97 10.79 -25.87 4.80
CA PRO A 97 11.25 -26.27 3.47
C PRO A 97 12.44 -25.41 3.09
N PRO A 98 13.40 -25.98 2.34
CA PRO A 98 14.61 -25.22 1.99
C PRO A 98 14.38 -24.00 1.12
N GLN A 99 13.22 -23.89 0.46
CA GLN A 99 12.89 -22.74 -0.37
C GLN A 99 12.40 -21.53 0.43
N HIS A 100 11.94 -21.72 1.67
CA HIS A 100 11.31 -20.63 2.41
C HIS A 100 12.32 -19.62 2.96
N LEU A 101 12.05 -18.33 2.71
CA LEU A 101 12.92 -17.28 3.22
C LEU A 101 12.77 -17.11 4.73
N ILE A 102 11.54 -17.12 5.24
CA ILE A 102 11.28 -16.82 6.65
C ILE A 102 11.09 -18.12 7.41
N ARG A 103 11.85 -18.29 8.49
CA ARG A 103 11.66 -19.39 9.43
C ARG A 103 11.31 -18.82 10.80
N VAL A 104 10.60 -19.63 11.58
CA VAL A 104 10.42 -19.38 13.00
C VAL A 104 11.41 -20.25 13.75
N GLU A 105 12.14 -19.64 14.69
CA GLU A 105 13.13 -20.31 15.50
C GLU A 105 12.49 -20.84 16.77
N GLY A 106 12.83 -22.08 17.12
CA GLY A 106 12.52 -22.59 18.45
C GLY A 106 11.06 -22.80 18.76
N ASN A 107 10.27 -23.19 17.77
CA ASN A 107 8.84 -23.47 17.99
C ASN A 107 8.48 -24.71 17.18
N LEU A 108 8.35 -25.84 17.87
CA LEU A 108 8.04 -27.10 17.20
C LEU A 108 6.64 -27.14 16.61
N ARG A 109 5.78 -26.17 16.94
CA ARG A 109 4.43 -26.10 16.41
C ARG A 109 4.33 -25.20 15.20
N ALA A 110 5.44 -24.68 14.70
CA ALA A 110 5.42 -23.88 13.48
C ALA A 110 5.02 -24.76 12.30
N GLU A 111 4.18 -24.22 11.43
CA GLU A 111 3.76 -24.88 10.20
C GLU A 111 4.16 -24.02 9.02
N TYR A 112 4.66 -24.66 7.97
CA TYR A 112 5.10 -23.98 6.77
C TYR A 112 4.13 -24.30 5.64
N LEU A 113 3.62 -23.27 4.98
CA LEU A 113 2.61 -23.43 3.94
C LEU A 113 3.22 -23.03 2.59
N ASP A 114 3.04 -23.91 1.59
CA ASP A 114 3.17 -23.55 0.18
C ASP A 114 1.74 -23.41 -0.34
N ASP A 115 1.31 -22.19 -0.62
CA ASP A 115 -0.08 -21.98 -1.01
C ASP A 115 -0.36 -22.67 -2.34
N ARG A 116 -1.40 -23.50 -2.36
CA ARG A 116 -1.62 -24.29 -3.57
C ARG A 116 -2.17 -23.47 -4.72
N ASN A 117 -2.65 -22.25 -4.47
CA ASN A 117 -3.17 -21.38 -5.51
C ASN A 117 -2.25 -20.23 -5.88
N THR A 118 -1.59 -19.60 -4.91
CA THR A 118 -0.68 -18.48 -5.19
C THR A 118 0.78 -18.88 -5.21
N PHE A 119 1.12 -20.06 -4.70
CA PHE A 119 2.48 -20.57 -4.57
C PHE A 119 3.33 -19.77 -3.59
N ARG A 120 2.74 -18.86 -2.83
CA ARG A 120 3.49 -18.09 -1.86
C ARG A 120 3.77 -18.92 -0.62
N HIS A 121 4.87 -18.59 0.05
CA HIS A 121 5.31 -19.26 1.26
C HIS A 121 4.91 -18.46 2.48
N SER A 122 4.59 -19.18 3.56
CA SER A 122 4.40 -18.51 4.83
C SER A 122 4.68 -19.49 5.96
N VAL A 123 4.84 -18.95 7.15
CA VAL A 123 5.07 -19.75 8.35
C VAL A 123 4.10 -19.25 9.42
N VAL A 124 3.40 -20.19 10.07
CA VAL A 124 2.34 -19.85 11.00
C VAL A 124 2.55 -20.60 12.31
N VAL A 125 2.30 -19.92 13.43
CA VAL A 125 2.42 -20.55 14.75
C VAL A 125 1.16 -20.28 15.55
N PRO A 126 0.85 -21.13 16.53
CA PRO A 126 -0.26 -20.83 17.44
C PRO A 126 0.04 -19.56 18.23
N CYS A 127 -1.01 -18.77 18.50
N CYS A 127 -1.02 -18.78 18.45
CA CYS A 127 -0.87 -17.52 19.23
CA CYS A 127 -0.93 -17.67 19.38
C CYS A 127 -1.04 -17.80 20.72
C CYS A 127 -0.86 -18.20 20.80
N GLU A 128 0.13 -17.75 21.53
CA GLU A 128 0.20 -18.09 22.93
C GLU A 128 0.26 -16.82 23.77
N PRO A 129 -0.25 -16.85 24.99
CA PRO A 129 -0.18 -15.67 25.85
C PRO A 129 1.24 -15.46 26.34
N PRO A 130 1.55 -14.28 26.88
CA PRO A 130 2.90 -14.03 27.40
C PRO A 130 3.19 -14.93 28.61
N GLU A 131 4.48 -15.12 28.87
CA GLU A 131 4.90 -15.72 30.12
C GLU A 131 4.50 -14.81 31.27
N VAL A 132 4.32 -15.40 32.45
CA VAL A 132 4.01 -14.61 33.63
C VAL A 132 5.12 -13.58 33.86
N GLY A 133 4.72 -12.31 34.01
CA GLY A 133 5.66 -11.22 34.14
C GLY A 133 5.93 -10.46 32.87
N SER A 134 5.41 -10.92 31.74
CA SER A 134 5.59 -10.23 30.46
C SER A 134 4.27 -9.65 29.98
N ASP A 135 4.36 -8.54 29.25
CA ASP A 135 3.18 -7.88 28.72
C ASP A 135 2.94 -8.15 27.24
N CYS A 136 3.83 -8.89 26.59
CA CYS A 136 3.67 -9.22 25.18
C CYS A 136 4.30 -10.58 24.92
N THR A 137 3.98 -11.12 23.76
CA THR A 137 4.60 -12.35 23.31
C THR A 137 5.63 -12.03 22.24
N THR A 138 6.72 -12.79 22.20
CA THR A 138 7.78 -12.57 21.23
C THR A 138 7.93 -13.81 20.36
N ILE A 139 7.96 -13.60 19.04
CA ILE A 139 8.29 -14.64 18.07
CA ILE A 139 8.29 -14.64 18.07
C ILE A 139 9.69 -14.35 17.56
N HIS A 140 10.49 -15.40 17.36
CA HIS A 140 11.84 -15.24 16.86
C HIS A 140 11.89 -15.72 15.41
N TYR A 141 12.10 -14.79 14.48
CA TYR A 141 12.18 -15.11 13.06
C TYR A 141 13.62 -15.15 12.58
N ASN A 142 13.87 -15.92 11.52
CA ASN A 142 15.15 -15.92 10.81
C ASN A 142 14.87 -15.65 9.34
N TYR A 143 15.73 -14.84 8.70
CA TYR A 143 15.66 -14.60 7.26
C TYR A 143 16.85 -15.29 6.61
N MET A 144 16.58 -16.13 5.61
CA MET A 144 17.54 -17.14 5.19
C MET A 144 18.23 -16.84 3.86
N CYS A 145 18.09 -15.61 3.34
CA CYS A 145 18.87 -15.11 2.22
C CYS A 145 19.19 -13.65 2.48
N TYR A 146 20.26 -13.17 1.87
CA TYR A 146 20.54 -11.74 1.85
C TYR A 146 19.62 -11.04 0.85
N SER A 147 19.31 -9.77 1.14
CA SER A 147 18.57 -8.97 0.16
C SER A 147 19.27 -8.95 -1.19
N SER A 148 20.60 -9.06 -1.19
CA SER A 148 21.40 -8.99 -2.41
C SER A 148 21.50 -10.30 -3.18
N CYS A 149 20.97 -11.42 -2.67
CA CYS A 149 21.23 -12.71 -3.30
C CYS A 149 20.82 -12.74 -4.76
N MET A 150 21.77 -13.04 -5.64
CA MET A 150 21.46 -13.08 -7.06
C MET A 150 20.58 -14.29 -7.38
N GLY A 151 19.64 -14.11 -8.29
CA GLY A 151 18.65 -15.12 -8.59
C GLY A 151 17.55 -15.26 -7.55
N GLY A 152 17.64 -14.54 -6.43
CA GLY A 152 16.58 -14.50 -5.46
C GLY A 152 16.08 -13.08 -5.31
N MET A 153 16.18 -12.51 -4.11
CA MET A 153 15.70 -11.14 -3.91
C MET A 153 16.43 -10.14 -4.80
N ASN A 154 17.71 -10.38 -5.07
CA ASN A 154 18.45 -9.63 -6.10
C ASN A 154 18.37 -8.12 -5.90
N ARG A 155 18.57 -7.69 -4.66
CA ARG A 155 18.60 -6.30 -4.21
C ARG A 155 17.23 -5.65 -4.11
N ARG A 156 16.16 -6.38 -4.37
CA ARG A 156 14.82 -5.80 -4.31
C ARG A 156 14.34 -5.77 -2.86
N PRO A 157 13.84 -4.65 -2.37
CA PRO A 157 13.31 -4.60 -1.00
CA PRO A 157 13.32 -4.62 -1.00
C PRO A 157 12.07 -5.47 -0.85
N ILE A 158 11.92 -6.04 0.35
CA ILE A 158 10.76 -6.83 0.71
C ILE A 158 10.08 -6.25 1.93
N LEU A 159 8.81 -6.59 2.06
N LEU A 159 8.84 -6.69 2.14
CA LEU A 159 8.05 -6.38 3.30
CA LEU A 159 8.02 -6.35 3.29
C LEU A 159 7.77 -7.74 3.92
C LEU A 159 7.56 -7.66 3.92
N THR A 160 7.69 -7.78 5.25
CA THR A 160 7.11 -8.91 5.96
C THR A 160 5.73 -8.47 6.44
N ILE A 161 4.72 -9.29 6.15
CA ILE A 161 3.35 -9.05 6.59
C ILE A 161 3.06 -10.06 7.70
N ILE A 162 2.65 -9.57 8.86
CA ILE A 162 2.28 -10.41 9.99
C ILE A 162 0.77 -10.33 10.15
N THR A 163 0.10 -11.48 10.08
CA THR A 163 -1.35 -11.52 10.19
C THR A 163 -1.75 -12.33 11.41
N LEU A 164 -2.69 -11.79 12.18
CA LEU A 164 -3.36 -12.54 13.24
C LEU A 164 -4.60 -13.16 12.60
N GLU A 165 -4.76 -14.47 12.76
CA GLU A 165 -5.80 -15.22 12.05
C GLU A 165 -6.60 -16.07 13.02
N ASP A 166 -7.87 -16.31 12.68
CA ASP A 166 -8.64 -17.28 13.46
C ASP A 166 -8.28 -18.71 13.02
N SER A 167 -8.97 -19.69 13.60
CA SER A 167 -8.63 -21.09 13.34
C SER A 167 -8.91 -21.52 11.90
N SER A 168 -9.77 -20.81 11.18
CA SER A 168 -10.01 -21.06 9.76
C SER A 168 -9.07 -20.29 8.84
N GLY A 169 -8.24 -19.41 9.39
CA GLY A 169 -7.40 -18.58 8.57
C GLY A 169 -7.98 -17.22 8.22
N ASN A 170 -9.14 -16.86 8.80
CA ASN A 170 -9.72 -15.56 8.52
C ASN A 170 -8.97 -14.47 9.26
N LEU A 171 -8.95 -13.28 8.66
CA LEU A 171 -8.17 -12.16 9.17
C LEU A 171 -8.74 -11.63 10.48
N LEU A 172 -7.88 -11.49 11.49
CA LEU A 172 -8.21 -10.77 12.72
C LEU A 172 -7.42 -9.48 12.91
N GLY A 173 -6.23 -9.39 12.33
CA GLY A 173 -5.37 -8.24 12.48
C GLY A 173 -4.20 -8.37 11.53
N ARG A 174 -3.58 -7.22 11.23
CA ARG A 174 -2.47 -7.20 10.27
C ARG A 174 -1.52 -6.07 10.62
N ASP A 175 -0.22 -6.32 10.45
CA ASP A 175 0.82 -5.31 10.58
C ASP A 175 1.94 -5.71 9.62
N SER A 176 2.91 -4.81 9.41
CA SER A 176 3.94 -5.11 8.43
C SER A 176 5.15 -4.21 8.66
N PHE A 177 6.27 -4.62 8.08
CA PHE A 177 7.52 -3.86 8.16
C PHE A 177 8.41 -4.24 6.98
N GLU A 178 9.19 -3.28 6.52
CA GLU A 178 10.21 -3.58 5.51
C GLU A 178 11.38 -4.34 6.16
N VAL A 179 12.08 -5.15 5.36
CA VAL A 179 13.22 -5.91 5.85
C VAL A 179 14.36 -5.74 4.87
N ARG A 180 15.57 -5.51 5.40
CA ARG A 180 16.81 -5.63 4.63
C ARG A 180 17.69 -6.64 5.35
N VAL A 181 18.08 -7.70 4.65
CA VAL A 181 19.00 -8.69 5.20
C VAL A 181 20.37 -8.36 4.63
N CYS A 182 21.33 -8.07 5.52
CA CYS A 182 22.59 -7.48 5.08
C CYS A 182 23.69 -7.83 6.06
N ALA A 183 24.93 -7.57 5.63
CA ALA A 183 26.08 -7.94 6.46
C ALA A 183 26.24 -7.02 7.67
N CYS A 184 25.89 -5.74 7.55
CA CYS A 184 26.12 -4.76 8.62
CA CYS A 184 26.13 -4.75 8.61
C CYS A 184 24.85 -3.96 8.87
N PRO A 185 23.89 -4.55 9.56
CA PRO A 185 22.61 -3.83 9.80
C PRO A 185 22.75 -2.51 10.54
N GLY A 186 23.70 -2.38 11.47
CA GLY A 186 23.84 -1.11 12.19
C GLY A 186 24.27 0.02 11.27
N ARG A 187 25.27 -0.23 10.43
CA ARG A 187 25.71 0.81 9.51
C ARG A 187 24.64 1.11 8.48
N ASP A 188 23.96 0.09 7.97
CA ASP A 188 22.93 0.35 6.96
C ASP A 188 21.75 1.11 7.53
N ARG A 189 21.36 0.80 8.78
CA ARG A 189 20.29 1.58 9.40
C ARG A 189 20.70 3.05 9.56
N ARG A 190 21.94 3.29 10.01
CA ARG A 190 22.40 4.66 10.16
C ARG A 190 22.40 5.38 8.81
N THR A 191 22.88 4.71 7.76
CA THR A 191 22.95 5.32 6.44
C THR A 191 21.56 5.67 5.92
N GLU A 192 20.60 4.74 6.03
CA GLU A 192 19.29 4.99 5.47
C GLU A 192 18.53 6.03 6.28
N GLU A 193 18.73 6.07 7.61
CA GLU A 193 18.10 7.11 8.41
C GLU A 193 18.65 8.49 8.09
N GLU A 194 19.96 8.57 7.81
CA GLU A 194 20.52 9.86 7.44
C GLU A 194 20.04 10.28 6.05
N ASN A 195 19.93 9.34 5.12
CA ASN A 195 19.36 9.65 3.81
C ASN A 195 17.95 10.20 3.93
N LEU A 196 17.13 9.57 4.77
CA LEU A 196 15.76 10.03 4.97
C LEU A 196 15.74 11.44 5.53
N ARG A 197 16.57 11.72 6.53
CA ARG A 197 16.60 13.04 7.14
C ARG A 197 17.11 14.09 6.15
N LYS A 198 18.03 13.72 5.28
CA LYS A 198 18.43 14.62 4.20
C LYS A 198 17.32 14.74 3.17
N SER B 1 -14.25 7.18 -30.05
CA SER B 1 -14.40 8.14 -28.97
C SER B 1 -15.63 7.81 -28.13
N SER B 2 -15.80 8.54 -27.03
CA SER B 2 -16.86 8.24 -26.08
C SER B 2 -17.50 9.54 -25.60
N SER B 3 -18.72 9.42 -25.08
CA SER B 3 -19.42 10.56 -24.52
CA SER B 3 -19.42 10.55 -24.52
C SER B 3 -18.64 11.13 -23.34
N VAL B 4 -18.90 12.39 -23.03
CA VAL B 4 -18.10 13.15 -22.06
C VAL B 4 -18.88 13.23 -20.74
N PRO B 5 -18.35 12.67 -19.66
CA PRO B 5 -19.02 12.79 -18.36
C PRO B 5 -19.01 14.23 -17.86
N SER B 6 -20.08 14.59 -17.17
CA SER B 6 -20.18 15.94 -16.62
C SER B 6 -19.14 16.16 -15.54
N GLN B 7 -18.59 17.38 -15.50
CA GLN B 7 -17.71 17.81 -14.43
C GLN B 7 -18.33 18.89 -13.55
N LYS B 8 -19.63 19.17 -13.71
CA LYS B 8 -20.24 20.30 -13.01
C LYS B 8 -20.36 20.03 -11.53
N THR B 9 -19.93 20.99 -10.72
CA THR B 9 -20.04 20.85 -9.27
C THR B 9 -21.51 20.78 -8.87
N TYR B 10 -21.84 19.82 -7.99
CA TYR B 10 -23.22 19.59 -7.61
C TYR B 10 -23.20 19.05 -6.17
N GLN B 11 -23.55 19.90 -5.20
CA GLN B 11 -23.49 19.44 -3.82
C GLN B 11 -24.59 18.44 -3.50
N GLY B 12 -25.77 18.59 -4.11
CA GLY B 12 -26.84 17.65 -3.89
C GLY B 12 -27.45 17.78 -2.51
N SER B 13 -28.30 16.80 -2.19
CA SER B 13 -29.09 16.85 -0.97
C SER B 13 -28.26 16.72 0.30
N TYR B 14 -27.09 16.09 0.21
CA TYR B 14 -26.27 15.83 1.39
C TYR B 14 -25.18 16.87 1.60
N GLY B 15 -25.06 17.85 0.69
CA GLY B 15 -24.04 18.88 0.81
C GLY B 15 -22.64 18.34 0.60
N PHE B 16 -22.48 17.54 -0.47
CA PHE B 16 -21.22 16.84 -0.74
C PHE B 16 -20.19 17.77 -1.36
N ARG B 17 -18.96 17.73 -0.83
CA ARG B 17 -17.85 18.44 -1.44
C ARG B 17 -16.53 17.83 -0.97
N LEU B 18 -15.48 18.11 -1.72
CA LEU B 18 -14.15 17.58 -1.41
C LEU B 18 -13.39 18.52 -0.48
N GLY B 19 -12.31 17.99 0.11
CA GLY B 19 -11.36 18.81 0.82
C GLY B 19 -9.97 18.21 0.64
N PHE B 20 -8.95 19.03 0.88
CA PHE B 20 -7.57 18.60 0.69
C PHE B 20 -6.73 19.08 1.86
N LEU B 21 -5.71 18.29 2.20
CA LEU B 21 -4.76 18.69 3.23
C LEU B 21 -3.97 19.92 2.77
N HIS B 22 -3.36 20.60 3.74
CA HIS B 22 -2.47 21.72 3.44
C HIS B 22 -1.04 21.23 3.61
N SER B 23 -0.47 20.70 2.53
CA SER B 23 0.80 19.99 2.60
C SER B 23 2.01 20.84 2.25
N GLY B 24 1.81 22.06 1.76
CA GLY B 24 2.93 22.93 1.46
C GLY B 24 3.60 22.59 0.14
N THR B 25 4.71 23.28 -0.13
CA THR B 25 5.36 23.18 -1.44
C THR B 25 6.85 22.85 -1.33
N ALA B 26 7.29 22.27 -0.22
CA ALA B 26 8.68 21.85 -0.11
C ALA B 26 9.01 20.85 -1.20
N LYS B 27 10.29 20.82 -1.60
CA LYS B 27 10.69 19.97 -2.71
C LYS B 27 10.47 18.49 -2.42
N SER B 28 10.41 18.11 -1.13
CA SER B 28 10.20 16.72 -0.72
C SER B 28 8.73 16.30 -0.70
N VAL B 29 7.79 17.23 -0.93
CA VAL B 29 6.38 16.88 -0.78
C VAL B 29 5.94 15.94 -1.91
N THR B 30 5.13 14.95 -1.56
CA THR B 30 4.71 13.94 -2.53
C THR B 30 3.34 14.22 -3.12
N CYS B 31 2.53 15.05 -2.47
CA CYS B 31 1.21 15.40 -2.96
C CYS B 31 0.87 16.73 -2.34
N THR B 32 0.41 17.68 -3.16
CA THR B 32 0.06 19.00 -2.64
C THR B 32 -1.06 19.59 -3.51
N TYR B 33 -2.00 20.28 -2.87
CA TYR B 33 -3.18 20.79 -3.55
C TYR B 33 -3.16 22.32 -3.58
N SER B 34 -3.44 22.89 -4.77
CA SER B 34 -3.53 24.33 -4.93
C SER B 34 -4.98 24.78 -4.99
N PRO B 35 -5.52 25.44 -3.95
CA PRO B 35 -6.87 26.00 -4.07
C PRO B 35 -7.02 27.02 -5.17
N ALA B 36 -6.02 27.88 -5.38
CA ALA B 36 -6.15 28.92 -6.40
C ALA B 36 -6.30 28.32 -7.80
N LEU B 37 -5.69 27.16 -8.04
CA LEU B 37 -5.76 26.50 -9.33
C LEU B 37 -6.78 25.37 -9.36
N ASN B 38 -7.36 25.02 -8.22
CA ASN B 38 -8.14 23.78 -8.05
C ASN B 38 -7.42 22.60 -8.68
N LYS B 39 -6.17 22.40 -8.27
CA LYS B 39 -5.28 21.48 -8.95
C LYS B 39 -4.44 20.72 -7.93
N LEU B 40 -4.44 19.40 -8.03
CA LEU B 40 -3.63 18.52 -7.21
C LEU B 40 -2.37 18.17 -7.99
N PHE B 41 -1.22 18.28 -7.32
CA PHE B 41 0.08 17.92 -7.89
C PHE B 41 0.61 16.74 -7.10
N CYS B 42 1.01 15.67 -7.78
CA CYS B 42 1.46 14.49 -7.04
C CYS B 42 2.52 13.73 -7.80
N GLN B 43 3.30 12.96 -7.05
CA GLN B 43 4.29 12.07 -7.62
C GLN B 43 3.64 10.77 -8.08
N LEU B 44 4.34 10.06 -8.96
CA LEU B 44 3.82 8.83 -9.53
C LEU B 44 3.55 7.77 -8.47
N ALA B 45 2.32 7.25 -8.45
CA ALA B 45 1.89 6.15 -7.61
C ALA B 45 1.95 6.44 -6.12
N LYS B 46 2.12 7.69 -5.70
CA LYS B 46 2.16 8.01 -4.28
C LYS B 46 0.76 8.30 -3.74
N THR B 47 0.63 8.23 -2.41
CA THR B 47 -0.66 8.44 -1.75
C THR B 47 -1.16 9.86 -1.96
N CYS B 48 -2.39 9.98 -2.45
CA CYS B 48 -3.06 11.28 -2.59
C CYS B 48 -4.30 11.27 -1.70
N PRO B 49 -4.27 11.92 -0.55
CA PRO B 49 -5.46 11.94 0.32
C PRO B 49 -6.49 12.92 -0.20
N VAL B 50 -7.72 12.46 -0.35
CA VAL B 50 -8.84 13.30 -0.74
C VAL B 50 -9.91 13.18 0.33
N GLN B 51 -10.32 14.31 0.89
CA GLN B 51 -11.34 14.32 1.93
C GLN B 51 -12.73 14.42 1.31
N LEU B 52 -13.69 13.75 1.97
CA LEU B 52 -15.09 13.80 1.59
C LEU B 52 -15.87 14.42 2.74
N TRP B 53 -16.60 15.51 2.45
CA TRP B 53 -17.39 16.24 3.44
C TRP B 53 -18.86 16.23 3.01
N VAL B 54 -19.75 16.07 3.99
CA VAL B 54 -21.19 16.23 3.78
C VAL B 54 -21.79 16.98 4.96
N ASP B 55 -22.92 17.64 4.71
CA ASP B 55 -23.67 18.29 5.80
C ASP B 55 -24.59 17.31 6.51
N SER B 56 -25.05 16.28 5.82
CA SER B 56 -25.90 15.27 6.44
C SER B 56 -25.47 13.89 5.96
N THR B 57 -25.84 12.88 6.76
CA THR B 57 -25.35 11.52 6.59
C THR B 57 -26.07 10.83 5.43
N PRO B 58 -25.36 10.34 4.42
CA PRO B 58 -26.03 9.60 3.33
C PRO B 58 -26.34 8.17 3.77
N PRO B 59 -27.21 7.48 3.03
CA PRO B 59 -27.70 6.15 3.46
C PRO B 59 -26.62 5.08 3.35
N PRO B 60 -26.74 4.00 4.12
CA PRO B 60 -25.86 2.84 3.92
C PRO B 60 -25.99 2.34 2.49
N GLY B 61 -24.86 2.00 1.88
CA GLY B 61 -24.83 1.60 0.49
C GLY B 61 -24.40 2.70 -0.47
N THR B 62 -24.31 3.94 0.02
CA THR B 62 -23.76 5.03 -0.78
C THR B 62 -22.32 4.68 -1.14
N ARG B 63 -21.90 5.06 -2.35
CA ARG B 63 -20.55 4.79 -2.84
C ARG B 63 -19.92 6.08 -3.37
N VAL B 64 -18.61 6.05 -3.57
CA VAL B 64 -17.87 7.20 -4.08
C VAL B 64 -16.98 6.73 -5.23
N ARG B 65 -17.14 7.35 -6.39
CA ARG B 65 -16.47 6.94 -7.62
C ARG B 65 -15.50 8.02 -8.08
N ALA B 66 -14.37 7.60 -8.64
CA ALA B 66 -13.40 8.52 -9.23
C ALA B 66 -13.18 8.14 -10.68
N MET B 67 -13.13 9.15 -11.54
CA MET B 67 -12.91 8.98 -12.98
C MET B 67 -12.09 10.16 -13.49
N ALA B 68 -11.17 9.89 -14.41
CA ALA B 68 -10.39 10.96 -15.04
C ALA B 68 -10.93 11.28 -16.43
N ILE B 69 -10.92 12.56 -16.80
CA ILE B 69 -11.17 13.00 -18.17
C ILE B 69 -10.12 14.03 -18.57
N TYR B 70 -9.90 14.17 -19.88
CA TYR B 70 -9.03 15.24 -20.36
C TYR B 70 -9.73 16.59 -20.22
N LYS B 71 -8.95 17.60 -19.84
CA LYS B 71 -9.52 18.93 -19.57
C LYS B 71 -9.83 19.69 -20.86
N GLN B 72 -8.96 19.60 -21.86
CA GLN B 72 -9.09 20.39 -23.08
C GLN B 72 -10.19 19.86 -23.98
N SER B 73 -10.84 20.80 -24.70
N SER B 73 -10.85 20.80 -24.69
CA SER B 73 -12.01 20.43 -25.50
CA SER B 73 -12.00 20.44 -25.51
C SER B 73 -11.65 19.43 -26.59
C SER B 73 -11.65 19.43 -26.59
N GLN B 74 -10.46 19.56 -27.19
CA GLN B 74 -10.07 18.68 -28.27
C GLN B 74 -9.76 17.26 -27.80
N HIS B 75 -9.56 17.06 -26.50
CA HIS B 75 -9.20 15.75 -25.98
C HIS B 75 -10.26 15.13 -25.07
N MET B 76 -11.31 15.87 -24.71
CA MET B 76 -12.24 15.38 -23.70
CA MET B 76 -12.23 15.37 -23.68
C MET B 76 -12.97 14.11 -24.12
N THR B 77 -13.12 13.86 -25.43
CA THR B 77 -13.80 12.64 -25.84
C THR B 77 -12.92 11.40 -25.80
N GLU B 78 -11.63 11.54 -25.53
CA GLU B 78 -10.70 10.40 -25.51
C GLU B 78 -10.65 9.81 -24.10
N VAL B 79 -10.75 8.48 -24.01
CA VAL B 79 -10.62 7.81 -22.72
C VAL B 79 -9.23 8.06 -22.13
N VAL B 80 -9.17 8.50 -20.88
CA VAL B 80 -7.90 8.62 -20.16
C VAL B 80 -7.48 7.24 -19.71
N ARG B 81 -6.28 6.81 -20.14
CA ARG B 81 -5.78 5.49 -19.79
C ARG B 81 -4.28 5.55 -19.56
N ARG B 82 -3.74 4.47 -19.00
CA ARG B 82 -2.30 4.39 -18.85
C ARG B 82 -1.61 4.19 -20.19
N CYS B 83 -0.35 4.61 -20.25
CA CYS B 83 0.43 4.64 -21.47
C CYS B 83 0.84 3.23 -21.90
N PRO B 84 1.37 3.07 -23.12
CA PRO B 84 1.72 1.72 -23.58
C PRO B 84 2.79 1.05 -22.75
N HIS B 85 3.67 1.84 -22.11
CA HIS B 85 4.66 1.23 -21.22
C HIS B 85 4.03 0.78 -19.91
N HIS B 86 3.33 1.69 -19.22
CA HIS B 86 2.87 1.38 -17.87
C HIS B 86 1.78 0.31 -17.87
N GLU B 87 0.95 0.25 -18.91
CA GLU B 87 -0.07 -0.80 -18.93
C GLU B 87 0.55 -2.19 -19.04
N ARG B 88 1.84 -2.29 -19.42
CA ARG B 88 2.53 -3.55 -19.61
C ARG B 88 3.62 -3.83 -18.57
N CYS B 89 3.65 -3.10 -17.46
N CYS B 89 3.60 -3.10 -17.45
CA CYS B 89 4.77 -3.25 -16.53
CA CYS B 89 4.67 -3.16 -16.45
C CYS B 89 4.44 -4.15 -15.34
C CYS B 89 4.50 -4.25 -15.42
N SER B 90 3.35 -4.90 -15.38
CA SER B 90 3.04 -5.93 -14.36
C SER B 90 3.04 -5.36 -12.95
N ASP B 91 2.48 -4.17 -12.78
CA ASP B 91 2.42 -3.53 -11.47
C ASP B 91 1.03 -3.53 -10.87
N SER B 92 0.11 -4.32 -11.39
CA SER B 92 -1.23 -4.39 -10.82
C SER B 92 -1.19 -5.06 -9.46
N ASP B 93 -2.14 -4.69 -8.61
CA ASP B 93 -2.29 -5.26 -7.27
C ASP B 93 -3.25 -6.45 -7.24
N GLY B 94 -3.53 -7.05 -8.39
CA GLY B 94 -4.53 -8.10 -8.48
C GLY B 94 -5.95 -7.60 -8.49
N LEU B 95 -6.16 -6.30 -8.29
CA LEU B 95 -7.49 -5.70 -8.25
C LEU B 95 -7.67 -4.68 -9.36
N ALA B 96 -6.78 -3.71 -9.46
CA ALA B 96 -6.87 -2.70 -10.50
C ALA B 96 -6.42 -3.30 -11.84
N PRO B 97 -7.20 -3.16 -12.90
CA PRO B 97 -6.70 -3.53 -14.23
C PRO B 97 -5.48 -2.69 -14.56
N PRO B 98 -4.52 -3.26 -15.28
CA PRO B 98 -3.27 -2.53 -15.55
C PRO B 98 -3.45 -1.29 -16.41
N GLN B 99 -4.59 -1.15 -17.10
CA GLN B 99 -4.88 0.03 -17.92
C GLN B 99 -5.37 1.23 -17.11
N HIS B 100 -5.83 1.03 -15.87
CA HIS B 100 -6.50 2.11 -15.14
C HIS B 100 -5.51 3.10 -14.54
N LEU B 101 -5.71 4.39 -14.83
CA LEU B 101 -4.84 5.43 -14.27
C LEU B 101 -5.02 5.57 -12.76
N ILE B 102 -6.27 5.58 -12.29
CA ILE B 102 -6.56 5.88 -10.88
C ILE B 102 -6.81 4.57 -10.13
N ARG B 103 -6.06 4.38 -9.04
CA ARG B 103 -6.30 3.30 -8.09
C ARG B 103 -6.68 3.87 -6.74
N VAL B 104 -7.38 3.06 -5.95
CA VAL B 104 -7.58 3.33 -4.53
C VAL B 104 -6.58 2.49 -3.76
N GLU B 105 -5.88 3.12 -2.82
CA GLU B 105 -4.88 2.46 -2.01
C GLU B 105 -5.53 1.95 -0.73
N GLY B 106 -5.25 0.69 -0.39
CA GLY B 106 -5.61 0.15 0.91
C GLY B 106 -7.10 -0.02 1.17
N ASN B 107 -7.87 -0.44 0.18
CA ASN B 107 -9.29 -0.71 0.38
C ASN B 107 -9.66 -1.94 -0.45
N LEU B 108 -9.81 -3.09 0.21
CA LEU B 108 -10.15 -4.32 -0.49
C LEU B 108 -11.57 -4.31 -1.07
N ARG B 109 -12.39 -3.33 -0.72
CA ARG B 109 -13.73 -3.20 -1.27
C ARG B 109 -13.77 -2.34 -2.53
N ALA B 110 -12.62 -1.84 -2.98
CA ALA B 110 -12.59 -1.07 -4.22
C ALA B 110 -12.98 -1.95 -5.39
N GLU B 111 -13.79 -1.40 -6.28
CA GLU B 111 -14.20 -2.05 -7.51
C GLU B 111 -13.81 -1.18 -8.69
N TYR B 112 -13.35 -1.83 -9.76
CA TYR B 112 -12.87 -1.16 -10.96
C TYR B 112 -13.82 -1.45 -12.10
N LEU B 113 -14.27 -0.40 -12.77
CA LEU B 113 -15.25 -0.52 -13.85
C LEU B 113 -14.62 -0.12 -15.18
N ASP B 114 -14.78 -0.98 -16.19
CA ASP B 114 -14.63 -0.63 -17.59
C ASP B 114 -16.05 -0.46 -18.12
N ASP B 115 -16.45 0.79 -18.41
CA ASP B 115 -17.83 1.02 -18.83
C ASP B 115 -18.11 0.33 -20.17
N ARG B 116 -19.20 -0.44 -20.21
CA ARG B 116 -19.51 -1.24 -21.39
C ARG B 116 -19.86 -0.41 -22.61
N ASN B 117 -20.32 0.83 -22.42
CA ASN B 117 -20.73 1.68 -23.53
C ASN B 117 -19.73 2.77 -23.87
N THR B 118 -19.15 3.42 -22.86
CA THR B 118 -18.20 4.52 -23.09
C THR B 118 -16.75 4.08 -23.04
N PHE B 119 -16.48 2.89 -22.50
CA PHE B 119 -15.13 2.36 -22.33
C PHE B 119 -14.29 3.13 -21.32
N ARG B 120 -14.89 4.05 -20.59
CA ARG B 120 -14.12 4.79 -19.60
C ARG B 120 -13.90 3.96 -18.34
N HIS B 121 -12.82 4.29 -17.65
CA HIS B 121 -12.43 3.60 -16.44
C HIS B 121 -12.84 4.39 -15.21
N SER B 122 -13.19 3.67 -14.15
CA SER B 122 -13.40 4.32 -12.86
C SER B 122 -13.16 3.32 -11.73
N VAL B 123 -13.00 3.87 -10.53
CA VAL B 123 -12.82 3.06 -9.34
C VAL B 123 -13.78 3.57 -8.28
N VAL B 124 -14.49 2.64 -7.63
CA VAL B 124 -15.57 3.01 -6.72
C VAL B 124 -15.40 2.24 -5.41
N VAL B 125 -15.64 2.94 -4.28
CA VAL B 125 -15.58 2.30 -2.97
C VAL B 125 -16.83 2.63 -2.18
N PRO B 126 -17.15 1.82 -1.17
CA PRO B 126 -18.24 2.18 -0.26
C PRO B 126 -17.93 3.48 0.47
N CYS B 127 -18.95 4.32 0.59
N CYS B 127 -18.94 4.32 0.65
CA CYS B 127 -18.86 5.56 1.36
CA CYS B 127 -18.77 5.63 1.30
C CYS B 127 -19.04 5.21 2.82
C CYS B 127 -19.08 5.47 2.77
N GLU B 128 -18.01 5.43 3.62
CA GLU B 128 -18.03 5.12 5.05
C GLU B 128 -18.00 6.40 5.87
N PRO B 129 -18.54 6.38 7.08
CA PRO B 129 -18.48 7.55 7.95
C PRO B 129 -17.06 7.78 8.45
N PRO B 130 -16.78 8.98 8.96
CA PRO B 130 -15.44 9.26 9.46
C PRO B 130 -15.06 8.35 10.62
N GLU B 131 -13.75 8.15 10.78
CA GLU B 131 -13.25 7.43 11.94
C GLU B 131 -13.49 8.25 13.20
N VAL B 132 -13.32 7.60 14.36
CA VAL B 132 -13.44 8.29 15.63
C VAL B 132 -12.50 9.48 15.68
N GLY B 133 -13.01 10.61 16.14
CA GLY B 133 -12.19 11.80 16.25
C GLY B 133 -11.83 12.46 14.93
N SER B 134 -12.56 12.16 13.87
CA SER B 134 -12.37 12.82 12.58
C SER B 134 -13.70 13.41 12.12
N ASP B 135 -13.62 14.53 11.40
CA ASP B 135 -14.81 15.21 10.92
C ASP B 135 -15.12 14.89 9.46
N CYS B 136 -14.25 14.16 8.76
CA CYS B 136 -14.49 13.84 7.36
C CYS B 136 -13.94 12.45 7.08
N THR B 137 -14.27 11.94 5.91
CA THR B 137 -13.74 10.66 5.46
C THR B 137 -12.66 10.94 4.42
N THR B 138 -11.58 10.16 4.46
CA THR B 138 -10.48 10.32 3.53
C THR B 138 -10.34 9.07 2.68
N ILE B 139 -10.21 9.25 1.37
CA ILE B 139 -9.85 8.19 0.44
C ILE B 139 -8.43 8.46 -0.01
N HIS B 140 -7.63 7.40 -0.14
N HIS B 140 -7.66 7.40 -0.21
CA HIS B 140 -6.28 7.50 -0.67
CA HIS B 140 -6.27 7.53 -0.67
C HIS B 140 -6.29 7.03 -2.11
C HIS B 140 -6.17 7.01 -2.09
N TYR B 141 -5.95 7.92 -3.04
CA TYR B 141 -5.84 7.60 -4.45
C TYR B 141 -4.37 7.53 -4.86
N ASN B 142 -4.10 6.74 -5.90
CA ASN B 142 -2.79 6.69 -6.55
C ASN B 142 -3.00 6.90 -8.03
N TYR B 143 -2.16 7.74 -8.64
CA TYR B 143 -2.18 7.98 -10.08
C TYR B 143 -0.98 7.26 -10.70
N MET B 144 -1.24 6.44 -11.71
CA MET B 144 -0.30 5.40 -12.12
C MET B 144 0.48 5.71 -13.40
N CYS B 145 0.38 6.93 -13.92
CA CYS B 145 1.23 7.43 -14.99
C CYS B 145 1.57 8.88 -14.71
N TYR B 146 2.70 9.34 -15.25
CA TYR B 146 3.01 10.77 -15.23
C TYR B 146 2.14 11.49 -16.27
N SER B 147 1.85 12.77 -16.00
CA SER B 147 1.15 13.57 -16.99
C SER B 147 1.88 13.57 -18.32
N SER B 148 3.20 13.43 -18.30
CA SER B 148 4.02 13.47 -19.51
C SER B 148 4.12 12.14 -20.25
N CYS B 149 3.55 11.03 -19.75
CA CYS B 149 3.82 9.72 -20.33
C CYS B 149 3.50 9.68 -21.84
N MET B 150 4.52 9.30 -22.60
CA MET B 150 4.42 9.19 -24.06
C MET B 150 3.40 8.12 -24.42
N GLY B 151 2.49 8.46 -25.33
CA GLY B 151 1.44 7.54 -25.73
C GLY B 151 0.29 7.38 -24.76
N GLY B 152 0.34 8.03 -23.60
CA GLY B 152 -0.77 8.07 -22.69
C GLY B 152 -1.27 9.50 -22.55
N MET B 153 -1.19 10.07 -21.35
CA MET B 153 -1.64 11.45 -21.18
C MET B 153 -0.84 12.41 -22.05
N ASN B 154 0.46 12.16 -22.25
CA ASN B 154 1.26 12.88 -23.24
C ASN B 154 1.19 14.40 -23.06
N ARG B 155 1.35 14.83 -21.80
CA ARG B 155 1.40 16.22 -21.36
C ARG B 155 0.04 16.91 -21.35
N ARG B 156 -1.05 16.19 -21.63
CA ARG B 156 -2.37 16.80 -21.66
C ARG B 156 -2.97 16.83 -20.27
N PRO B 157 -3.46 17.98 -19.81
CA PRO B 157 -4.03 18.06 -18.46
C PRO B 157 -5.30 17.23 -18.34
N ILE B 158 -5.48 16.66 -17.14
CA ILE B 158 -6.68 15.90 -16.81
C ILE B 158 -7.39 16.51 -15.62
N LEU B 159 -8.66 16.16 -15.48
CA LEU B 159 -9.42 16.40 -14.27
C LEU B 159 -9.82 15.05 -13.68
N THR B 160 -9.90 14.99 -12.36
CA THR B 160 -10.56 13.87 -11.69
C THR B 160 -11.94 14.33 -11.26
N ILE B 161 -12.96 13.55 -11.59
CA ILE B 161 -14.34 13.78 -11.18
C ILE B 161 -14.68 12.79 -10.07
N ILE B 162 -15.12 13.30 -8.93
CA ILE B 162 -15.53 12.46 -7.80
C ILE B 162 -17.04 12.55 -7.71
N THR B 163 -17.70 11.40 -7.77
CA THR B 163 -19.15 11.37 -7.70
C THR B 163 -19.59 10.57 -6.48
N LEU B 164 -20.53 11.13 -5.73
CA LEU B 164 -21.23 10.42 -4.68
C LEU B 164 -22.45 9.77 -5.34
N GLU B 165 -22.63 8.47 -5.11
CA GLU B 165 -23.66 7.69 -5.80
C GLU B 165 -24.46 6.86 -4.81
N ASP B 166 -25.71 6.60 -5.16
CA ASP B 166 -26.47 5.63 -4.38
C ASP B 166 -26.09 4.20 -4.80
N SER B 167 -26.76 3.21 -4.20
CA SER B 167 -26.35 1.83 -4.43
C SER B 167 -26.65 1.34 -5.85
N SER B 168 -27.51 2.04 -6.60
CA SER B 168 -27.76 1.76 -8.01
C SER B 168 -26.81 2.49 -8.95
N GLY B 169 -26.00 3.40 -8.42
CA GLY B 169 -25.15 4.24 -9.25
C GLY B 169 -25.74 5.57 -9.65
N ASN B 170 -26.91 5.93 -9.11
CA ASN B 170 -27.49 7.22 -9.43
C ASN B 170 -26.73 8.33 -8.71
N LEU B 171 -26.67 9.49 -9.37
CA LEU B 171 -25.90 10.62 -8.88
C LEU B 171 -26.51 11.19 -7.60
N LEU B 172 -25.68 11.38 -6.58
CA LEU B 172 -26.05 12.15 -5.40
C LEU B 172 -25.28 13.46 -5.25
N GLY B 173 -24.04 13.51 -5.73
CA GLY B 173 -23.23 14.70 -5.63
C GLY B 173 -22.02 14.57 -6.53
N ARG B 174 -21.41 15.71 -6.86
CA ARG B 174 -20.29 15.71 -7.79
C ARG B 174 -19.34 16.85 -7.45
N ASP B 175 -18.03 16.58 -7.58
CA ASP B 175 -17.00 17.59 -7.43
C ASP B 175 -15.85 17.17 -8.32
N SER B 176 -14.87 18.06 -8.52
CA SER B 176 -13.77 17.75 -9.43
C SER B 176 -12.56 18.61 -9.12
N PHE B 177 -11.41 18.16 -9.63
CA PHE B 177 -10.16 18.89 -9.49
C PHE B 177 -9.21 18.50 -10.62
N GLU B 178 -8.37 19.44 -11.06
CA GLU B 178 -7.34 19.13 -12.02
C GLU B 178 -6.20 18.35 -11.33
N VAL B 179 -5.49 17.52 -12.10
CA VAL B 179 -4.37 16.75 -11.57
C VAL B 179 -3.18 16.88 -12.51
N ARG B 180 -1.99 17.08 -11.93
CA ARG B 180 -0.72 16.92 -12.64
C ARG B 180 0.09 15.90 -11.88
N VAL B 181 0.50 14.83 -12.55
CA VAL B 181 1.37 13.82 -11.97
C VAL B 181 2.78 14.12 -12.46
N CYS B 182 3.70 14.40 -11.54
CA CYS B 182 4.99 14.95 -11.92
C CYS B 182 6.03 14.59 -10.87
N ALA B 183 7.30 14.79 -11.25
CA ALA B 183 8.40 14.40 -10.37
C ALA B 183 8.53 15.33 -9.16
N CYS B 184 8.22 16.61 -9.30
CA CYS B 184 8.41 17.58 -8.22
C CYS B 184 7.14 18.41 -8.03
N PRO B 185 6.15 17.84 -7.37
CA PRO B 185 4.87 18.56 -7.15
C PRO B 185 5.03 19.90 -6.46
N GLY B 186 5.90 19.99 -5.46
CA GLY B 186 6.06 21.25 -4.74
C GLY B 186 6.56 22.36 -5.64
N ARG B 187 7.59 22.06 -6.44
CA ARG B 187 8.13 23.07 -7.35
C ARG B 187 7.12 23.44 -8.43
N ASP B 188 6.40 22.44 -8.97
CA ASP B 188 5.46 22.73 -10.04
C ASP B 188 4.26 23.52 -9.52
N ARG B 189 3.81 23.25 -8.29
CA ARG B 189 2.75 24.07 -7.73
C ARG B 189 3.20 25.51 -7.56
N ARG B 190 4.40 25.72 -7.01
CA ARG B 190 4.90 27.10 -6.86
C ARG B 190 4.99 27.80 -8.20
N THR B 191 5.49 27.11 -9.23
CA THR B 191 5.63 27.70 -10.55
C THR B 191 4.27 28.07 -11.14
N GLU B 192 3.31 27.15 -11.06
CA GLU B 192 2.02 27.43 -11.67
C GLU B 192 1.25 28.50 -10.92
N GLU B 193 1.43 28.59 -9.60
CA GLU B 193 0.77 29.64 -8.83
C GLU B 193 1.39 30.99 -9.11
N GLU B 194 2.72 31.05 -9.30
CA GLU B 194 3.33 32.32 -9.63
C GLU B 194 2.94 32.76 -11.04
N ASN B 195 2.81 31.81 -11.97
CA ASN B 195 2.30 32.13 -13.30
C ASN B 195 0.90 32.73 -13.22
N LEU B 196 0.06 32.18 -12.33
CA LEU B 196 -1.31 32.67 -12.21
C LEU B 196 -1.35 34.12 -11.78
N ARG B 197 -0.49 34.50 -10.83
CA ARG B 197 -0.45 35.88 -10.35
C ARG B 197 0.09 36.84 -11.42
ZN ZN C . 20.44 -16.54 -0.98
C1 O80 D . -1.94 -13.63 23.34
F1 O80 D . -0.68 -10.58 20.79
N1 O80 D . -1.02 -12.68 22.94
C2 O80 D . -2.45 -13.20 24.55
F2 O80 D . -0.31 -12.23 19.43
N2 O80 D . -2.05 -7.77 26.80
C3 O80 D . -1.82 -11.97 24.87
F3 O80 D . -2.19 -12.13 20.54
C4 O80 D . -0.93 -11.66 23.84
C5 O80 D . -2.35 -14.82 22.75
C6 O80 D . -3.32 -15.59 23.40
C7 O80 D . -3.84 -15.19 24.62
C8 O80 D . -3.42 -13.99 25.22
C9 O80 D . -0.12 -10.51 23.83
C10 O80 D . -0.25 -9.65 24.91
C11 O80 D . -1.12 -9.92 25.95
C12 O80 D . -1.91 -11.08 25.95
C13 O80 D . -0.25 -12.72 21.72
C14 O80 D . -0.87 -11.91 20.61
C15 O80 D . -1.23 -8.97 27.09
C16 O80 D . -3.48 -8.14 26.69
C17 O80 D . -1.90 -6.77 27.89
ZN ZN E . 2.81 5.91 -18.14
C1 O80 F . -20.15 9.85 5.59
F1 O80 F . -18.86 12.66 2.87
N1 O80 F . -19.19 10.74 5.16
C2 O80 F . -20.67 10.35 6.77
F2 O80 F . -18.46 10.91 1.63
N2 O80 F . -20.42 15.76 8.98
C3 O80 F . -20.01 11.59 7.04
F3 O80 F . -20.35 11.12 2.72
C4 O80 F . -19.08 11.81 6.02
C5 O80 F . -20.59 8.64 5.03
C6 O80 F . -21.58 7.94 5.71
C7 O80 F . -22.11 8.43 6.89
C8 O80 F . -21.68 9.64 7.44
C9 O80 F . -18.26 12.95 5.99
C10 O80 F . -18.39 13.86 7.04
C11 O80 F . -19.31 13.66 8.06
C12 O80 F . -20.10 12.52 8.07
C13 O80 F . -18.40 10.60 3.95
C14 O80 F . -19.02 11.33 2.79
C15 O80 F . -19.44 14.64 9.18
C16 O80 F . -21.79 15.27 8.72
C17 O80 F . -20.46 16.60 10.20
#